data_5BVQ
#
_entry.id   5BVQ
#
_cell.length_a   61.001
_cell.length_b   61.001
_cell.length_c   143.994
_cell.angle_alpha   90.00
_cell.angle_beta   90.00
_cell.angle_gamma   120.00
#
_symmetry.space_group_name_H-M   'P 61'
#
loop_
_entity.id
_entity.type
_entity.pdbx_description
1 polymer 'fatty acid-binding protein'
2 water water
#
_entity_poly.entity_id   1
_entity_poly.type   'polypeptide(L)'
_entity_poly.pdbx_seq_one_letter_code
;MCDQFVGTWKFLSSENFEDYMKELGVGFATRKMAGVAKPNVTISINGDVITIKTESTFKNTEVSFRLGEEFDETTADDRK
TKNVITLDNGILNQVQKWDGKETVIKRKVMDGNLVVECTMNTVTSKRVYERA
;
_entity_poly.pdbx_strand_id   A,B
#
# COMPACT_ATOMS: atom_id res chain seq x y z
N MET A 1 3.28 -12.21 17.70
CA MET A 1 4.46 -11.41 18.14
C MET A 1 5.19 -10.82 16.94
N CYS A 2 6.20 -11.53 16.44
CA CYS A 2 6.75 -11.21 15.15
C CYS A 2 6.62 -12.37 14.13
N ASP A 3 5.76 -12.11 13.16
CA ASP A 3 5.79 -12.75 11.86
C ASP A 3 6.67 -11.85 10.99
N GLN A 4 7.83 -12.38 10.59
CA GLN A 4 8.78 -11.68 9.74
C GLN A 4 9.12 -12.48 8.44
N PHE A 5 9.83 -11.83 7.51
CA PHE A 5 10.10 -12.37 6.16
C PHE A 5 10.50 -13.80 6.04
N VAL A 6 11.28 -14.30 7.00
CA VAL A 6 11.87 -15.61 6.78
C VAL A 6 10.75 -16.68 6.77
N GLY A 7 10.93 -17.66 5.89
CA GLY A 7 10.00 -18.77 5.72
C GLY A 7 9.46 -18.86 4.31
N THR A 8 8.30 -19.54 4.20
CA THR A 8 7.76 -19.95 2.90
C THR A 8 6.35 -19.53 2.76
N TRP A 9 6.02 -18.96 1.60
CA TRP A 9 4.78 -18.24 1.38
C TRP A 9 4.11 -18.75 0.05
N LYS A 10 2.80 -18.97 0.06
CA LYS A 10 2.13 -19.58 -1.09
C LYS A 10 1.22 -18.55 -1.61
N PHE A 11 1.25 -18.31 -2.92
CA PHE A 11 0.34 -17.37 -3.59
C PHE A 11 -1.10 -17.54 -3.13
N LEU A 12 -1.82 -16.44 -3.02
CA LEU A 12 -3.18 -16.38 -2.51
C LEU A 12 -3.94 -15.59 -3.54
N SER A 13 -3.50 -14.38 -3.83
CA SER A 13 -4.21 -13.57 -4.82
C SER A 13 -3.37 -12.44 -5.40
N SER A 14 -3.84 -11.91 -6.54
CA SER A 14 -3.24 -10.76 -7.20
C SER A 14 -4.28 -9.78 -7.77
N GLU A 15 -3.83 -8.56 -7.97
CA GLU A 15 -4.66 -7.47 -8.37
C GLU A 15 -3.89 -6.56 -9.28
N ASN A 16 -4.49 -6.32 -10.45
CA ASN A 16 -3.97 -5.47 -11.47
C ASN A 16 -2.69 -5.97 -12.09
N PHE A 17 -2.42 -7.25 -11.97
CA PHE A 17 -1.11 -7.77 -12.32
C PHE A 17 -0.83 -7.60 -13.80
N GLU A 18 -1.89 -7.66 -14.62
CA GLU A 18 -1.78 -7.58 -16.09
C GLU A 18 -1.26 -6.24 -16.56
N ASP A 19 -1.89 -5.16 -16.12
CA ASP A 19 -1.44 -3.82 -16.50
C ASP A 19 0.00 -3.51 -16.00
N TYR A 20 0.39 -4.07 -14.83
CA TYR A 20 1.79 -3.90 -14.35
C TYR A 20 2.77 -4.55 -15.30
N MET A 21 2.51 -5.78 -15.66
CA MET A 21 3.46 -6.50 -16.52
C MET A 21 3.55 -5.82 -17.90
N LYS A 22 2.46 -5.18 -18.34
CA LYS A 22 2.45 -4.41 -19.61
C LYS A 22 3.35 -3.20 -19.47
N GLU A 23 3.17 -2.49 -18.38
CA GLU A 23 4.04 -1.38 -18.03
C GLU A 23 5.53 -1.75 -17.98
N LEU A 24 5.83 -2.98 -17.55
CA LEU A 24 7.21 -3.42 -17.47
C LEU A 24 7.70 -3.71 -18.86
N GLY A 25 6.76 -4.09 -19.73
CA GLY A 25 7.05 -4.42 -21.13
C GLY A 25 7.05 -5.91 -21.36
N VAL A 26 6.45 -6.67 -20.45
CA VAL A 26 6.49 -8.13 -20.55
C VAL A 26 5.69 -8.41 -21.79
N GLY A 27 6.13 -9.38 -22.57
CA GLY A 27 5.49 -9.67 -23.83
C GLY A 27 4.15 -10.31 -23.57
N PHE A 28 3.19 -10.00 -24.44
CA PHE A 28 1.90 -10.70 -24.44
C PHE A 28 2.35 -12.15 -24.37
N ALA A 29 1.59 -13.03 -23.76
CA ALA A 29 2.00 -14.46 -23.72
C ALA A 29 2.91 -14.87 -22.59
N THR A 30 4.00 -14.14 -22.30
CA THR A 30 4.62 -14.34 -20.98
C THR A 30 3.63 -13.91 -19.93
N ARG A 31 2.95 -12.76 -20.17
CA ARG A 31 1.86 -12.29 -19.31
C ARG A 31 0.84 -13.38 -19.00
N LYS A 32 0.50 -14.21 -20.00
CA LYS A 32 -0.38 -15.39 -19.77
C LYS A 32 0.08 -16.43 -18.75
N MET A 33 1.28 -16.95 -18.93
CA MET A 33 1.69 -17.97 -17.99
C MET A 33 1.90 -17.36 -16.59
N ALA A 34 2.27 -16.09 -16.54
CA ALA A 34 2.46 -15.43 -15.27
C ALA A 34 1.16 -15.38 -14.51
N GLY A 35 0.06 -15.06 -15.17
CA GLY A 35 -1.27 -15.05 -14.52
C GLY A 35 -1.88 -16.40 -14.18
N VAL A 36 -1.39 -17.52 -14.73
CA VAL A 36 -1.91 -18.79 -14.20
C VAL A 36 -1.10 -19.34 -13.04
N ALA A 37 0.21 -19.05 -12.93
CA ALA A 37 1.02 -19.61 -11.85
C ALA A 37 0.54 -19.16 -10.40
N LYS A 38 0.75 -20.05 -9.42
CA LYS A 38 0.51 -19.79 -8.00
C LYS A 38 1.85 -20.04 -7.29
N PRO A 39 2.81 -19.13 -7.51
CA PRO A 39 4.17 -19.24 -7.03
C PRO A 39 4.27 -19.39 -5.50
N ASN A 40 5.33 -20.03 -5.08
CA ASN A 40 5.68 -20.29 -3.70
C ASN A 40 6.99 -19.50 -3.51
N VAL A 41 7.05 -18.51 -2.63
CA VAL A 41 8.30 -17.74 -2.47
C VAL A 41 8.94 -18.12 -1.17
N THR A 42 10.18 -18.60 -1.17
CA THR A 42 10.89 -18.80 0.08
C THR A 42 11.96 -17.69 0.34
N ILE A 43 11.81 -17.00 1.48
CA ILE A 43 12.79 -15.99 1.93
C ILE A 43 13.75 -16.60 2.97
N SER A 44 15.04 -16.73 2.68
CA SER A 44 15.94 -17.34 3.67
C SER A 44 17.11 -16.38 4.02
N ILE A 45 17.64 -16.48 5.24
CA ILE A 45 18.69 -15.54 5.74
C ILE A 45 19.88 -16.36 6.17
N ASN A 46 21.04 -16.08 5.59
CA ASN A 46 22.25 -16.74 6.02
C ASN A 46 23.29 -15.66 6.38
N GLY A 47 23.35 -15.36 7.67
CA GLY A 47 24.19 -14.26 8.16
C GLY A 47 23.60 -12.94 7.75
N ASP A 48 24.32 -12.17 6.95
CA ASP A 48 23.78 -10.89 6.49
C ASP A 48 23.28 -10.93 5.02
N VAL A 49 23.06 -12.14 4.51
CA VAL A 49 22.73 -12.39 3.10
C VAL A 49 21.33 -12.92 3.02
N ILE A 50 20.44 -12.20 2.33
CA ILE A 50 19.05 -12.64 2.18
C ILE A 50 18.94 -13.41 0.87
N THR A 51 18.09 -14.43 0.81
CA THR A 51 17.87 -15.18 -0.45
C THR A 51 16.40 -15.22 -0.64
N ILE A 52 15.91 -14.84 -1.83
CA ILE A 52 14.50 -14.93 -2.16
C ILE A 52 14.40 -15.92 -3.34
N LYS A 53 13.78 -17.08 -3.10
CA LYS A 53 13.74 -18.19 -4.06
C LYS A 53 12.29 -18.38 -4.43
N THR A 54 11.97 -18.27 -5.73
CA THR A 54 10.60 -18.32 -6.25
C THR A 54 10.43 -19.64 -6.99
N GLU A 55 9.45 -20.42 -6.55
CA GLU A 55 9.31 -21.78 -7.11
C GLU A 55 7.86 -21.95 -7.54
N SER A 56 7.48 -23.14 -8.02
CA SER A 56 6.10 -23.40 -8.46
C SER A 56 5.66 -22.39 -9.52
N THR A 57 6.56 -22.05 -10.40
CA THR A 57 6.18 -21.18 -11.43
C THR A 57 6.80 -21.68 -12.71
N PHE A 58 6.63 -20.88 -13.74
CA PHE A 58 6.97 -21.24 -15.12
C PHE A 58 8.46 -21.22 -15.30
N LYS A 59 9.12 -20.37 -14.53
CA LYS A 59 10.53 -20.21 -14.59
C LYS A 59 10.97 -19.91 -13.13
N ASN A 60 11.70 -20.83 -12.49
CA ASN A 60 12.08 -20.69 -11.09
C ASN A 60 13.27 -19.79 -11.05
N THR A 61 13.36 -18.95 -10.03
CA THR A 61 14.54 -18.05 -9.87
C THR A 61 15.01 -18.05 -8.43
N GLU A 62 16.23 -17.57 -8.23
CA GLU A 62 16.81 -17.39 -6.87
C GLU A 62 17.70 -16.19 -6.86
N VAL A 63 17.44 -15.21 -5.99
CA VAL A 63 18.29 -14.05 -5.87
C VAL A 63 18.81 -13.96 -4.44
N SER A 64 20.08 -13.71 -4.30
CA SER A 64 20.77 -13.57 -3.02
C SER A 64 21.43 -12.20 -3.01
N PHE A 65 21.21 -11.44 -1.94
CA PHE A 65 21.69 -10.06 -1.85
C PHE A 65 21.98 -9.67 -0.39
N ARG A 66 22.74 -8.59 -0.22
CA ARG A 66 23.01 -7.99 1.08
C ARG A 66 22.33 -6.64 1.03
N LEU A 67 21.75 -6.20 2.13
CA LEU A 67 21.01 -4.97 2.07
C LEU A 67 21.91 -3.75 1.72
N GLY A 68 21.38 -2.82 0.93
CA GLY A 68 22.14 -1.62 0.59
C GLY A 68 23.17 -1.81 -0.51
N GLU A 69 23.51 -3.04 -0.88
CA GLU A 69 24.55 -3.31 -1.88
C GLU A 69 23.92 -3.65 -3.23
N GLU A 70 24.47 -3.12 -4.32
CA GLU A 70 23.81 -3.21 -5.61
C GLU A 70 24.07 -4.56 -6.23
N PHE A 71 23.06 -5.19 -6.81
CA PHE A 71 23.32 -6.45 -7.49
C PHE A 71 22.56 -6.54 -8.81
N ASP A 72 23.08 -7.39 -9.69
CA ASP A 72 22.47 -7.79 -10.95
C ASP A 72 21.44 -8.91 -10.84
N GLU A 73 20.33 -8.79 -11.55
CA GLU A 73 19.43 -9.88 -11.73
C GLU A 73 18.93 -9.92 -13.18
N THR A 74 19.02 -11.10 -13.79
CA THR A 74 18.27 -11.41 -15.01
C THR A 74 16.94 -11.95 -14.57
N THR A 75 15.87 -11.23 -14.90
CA THR A 75 14.53 -11.50 -14.33
C THR A 75 13.85 -12.60 -15.10
N ALA A 76 12.83 -13.22 -14.51
CA ALA A 76 12.11 -14.28 -15.23
C ALA A 76 11.46 -13.83 -16.57
N ASP A 77 11.52 -12.53 -16.93
CA ASP A 77 11.13 -12.09 -18.30
C ASP A 77 12.33 -11.61 -19.11
N ASP A 78 13.52 -12.05 -18.77
CA ASP A 78 14.76 -11.71 -19.49
C ASP A 78 15.20 -10.23 -19.40
N ARG A 79 14.71 -9.45 -18.43
CA ARG A 79 15.29 -8.11 -18.24
C ARG A 79 16.62 -8.23 -17.49
N LYS A 80 17.59 -7.40 -17.85
CA LYS A 80 18.89 -7.45 -17.21
C LYS A 80 19.02 -6.25 -16.29
N THR A 81 18.92 -6.45 -14.97
CA THR A 81 18.57 -5.35 -14.08
C THR A 81 19.63 -5.10 -13.06
N LYS A 82 19.62 -3.89 -12.52
CA LYS A 82 20.41 -3.52 -11.36
C LYS A 82 19.44 -3.13 -10.25
N ASN A 83 19.74 -3.64 -9.05
CA ASN A 83 18.81 -3.65 -7.91
C ASN A 83 19.49 -3.23 -6.64
N VAL A 84 18.79 -2.46 -5.83
CA VAL A 84 19.17 -2.23 -4.46
C VAL A 84 17.97 -2.47 -3.55
N ILE A 85 18.13 -3.31 -2.52
CA ILE A 85 17.02 -3.56 -1.58
C ILE A 85 17.39 -2.99 -0.23
N THR A 86 16.46 -2.28 0.40
CA THR A 86 16.69 -1.74 1.70
C THR A 86 15.54 -2.15 2.56
N LEU A 87 15.74 -2.01 3.87
CA LEU A 87 14.79 -2.39 4.90
C LEU A 87 14.47 -1.20 5.80
N ASP A 88 13.20 -0.81 5.94
CA ASP A 88 12.86 0.26 6.86
C ASP A 88 11.55 -0.09 7.51
N ASN A 89 11.59 -0.18 8.83
CA ASN A 89 10.46 -0.63 9.62
C ASN A 89 9.72 -1.90 9.18
N GLY A 90 10.47 -2.93 8.78
CA GLY A 90 9.85 -4.17 8.40
C GLY A 90 9.41 -4.29 6.93
N ILE A 91 9.53 -3.23 6.14
CA ILE A 91 9.26 -3.27 4.74
C ILE A 91 10.54 -3.37 3.94
N LEU A 92 10.69 -4.43 3.13
CA LEU A 92 11.80 -4.50 2.15
C LEU A 92 11.45 -3.65 0.91
N ASN A 93 12.34 -2.75 0.48
CA ASN A 93 12.07 -1.86 -0.64
C ASN A 93 13.12 -2.19 -1.68
N GLN A 94 12.69 -2.72 -2.83
CA GLN A 94 13.60 -3.03 -3.94
C GLN A 94 13.46 -2.06 -5.12
N VAL A 95 14.56 -1.44 -5.54
CA VAL A 95 14.50 -0.49 -6.64
C VAL A 95 15.19 -1.16 -7.76
N GLN A 96 14.45 -1.44 -8.85
CA GLN A 96 14.93 -2.24 -9.95
C GLN A 96 15.01 -1.40 -11.21
N LYS A 97 16.20 -1.37 -11.81
CA LYS A 97 16.56 -0.42 -12.84
C LYS A 97 17.18 -1.15 -14.03
N TRP A 98 16.68 -0.84 -15.22
CA TRP A 98 17.18 -1.30 -16.50
C TRP A 98 16.76 -0.25 -17.57
N ASP A 99 17.72 0.26 -18.38
CA ASP A 99 17.40 1.24 -19.48
C ASP A 99 16.77 2.54 -19.10
N GLY A 100 17.31 3.27 -18.13
CA GLY A 100 16.62 4.52 -17.73
C GLY A 100 15.23 4.30 -17.16
N LYS A 101 14.75 3.04 -17.13
CA LYS A 101 13.47 2.70 -16.50
C LYS A 101 13.69 2.17 -15.08
N GLU A 102 12.62 2.09 -14.32
CA GLU A 102 12.75 1.73 -12.92
C GLU A 102 11.42 1.17 -12.39
N THR A 103 11.49 0.16 -11.52
CA THR A 103 10.29 -0.33 -10.80
C THR A 103 10.63 -0.51 -9.31
N VAL A 104 9.64 -0.30 -8.46
CA VAL A 104 9.83 -0.37 -7.02
C VAL A 104 8.91 -1.49 -6.52
N ILE A 105 9.53 -2.51 -5.93
CA ILE A 105 8.82 -3.67 -5.36
C ILE A 105 8.90 -3.60 -3.83
N LYS A 106 7.76 -3.45 -3.17
CA LYS A 106 7.76 -3.35 -1.73
C LYS A 106 7.27 -4.67 -1.15
N ARG A 107 7.95 -5.24 -0.18
CA ARG A 107 7.48 -6.44 0.52
C ARG A 107 7.32 -6.22 2.03
N LYS A 108 6.14 -6.56 2.54
CA LYS A 108 5.86 -6.46 3.99
C LYS A 108 5.02 -7.63 4.45
N VAL A 109 5.30 -8.06 5.67
CA VAL A 109 4.64 -9.17 6.33
C VAL A 109 3.56 -8.56 7.19
N MET A 110 2.35 -9.04 7.03
CA MET A 110 1.25 -8.60 7.84
C MET A 110 0.54 -9.90 8.34
N ASP A 111 0.67 -10.22 9.63
CA ASP A 111 -0.06 -11.35 10.26
C ASP A 111 -0.03 -12.67 9.44
N GLY A 112 1.12 -13.28 9.26
CA GLY A 112 1.16 -14.51 8.41
C GLY A 112 0.60 -14.33 6.97
N ASN A 113 0.59 -13.08 6.45
CA ASN A 113 0.44 -12.77 4.98
C ASN A 113 1.60 -11.88 4.48
N LEU A 114 2.09 -12.12 3.27
CA LEU A 114 3.20 -11.37 2.67
C LEU A 114 2.57 -10.62 1.50
N VAL A 115 2.72 -9.31 1.53
CA VAL A 115 2.07 -8.36 0.60
C VAL A 115 3.19 -7.72 -0.17
N VAL A 116 3.16 -7.94 -1.47
CA VAL A 116 4.19 -7.48 -2.39
C VAL A 116 3.51 -6.51 -3.32
N GLU A 117 3.90 -5.24 -3.26
CA GLU A 117 3.22 -4.14 -3.99
C GLU A 117 4.29 -3.66 -4.95
N CYS A 118 3.99 -3.67 -6.24
CA CYS A 118 5.02 -3.40 -7.25
C CYS A 118 4.50 -2.16 -7.92
N THR A 119 5.41 -1.28 -8.26
CA THR A 119 4.95 -0.03 -8.81
C THR A 119 5.88 0.39 -9.94
N MET A 120 5.27 0.65 -11.11
CA MET A 120 6.00 1.26 -12.20
C MET A 120 5.17 2.35 -12.88
N ASN A 121 5.76 3.53 -13.07
CA ASN A 121 5.02 4.69 -13.61
C ASN A 121 3.67 4.92 -12.92
N THR A 122 2.61 4.83 -13.72
CA THR A 122 1.20 4.97 -13.33
C THR A 122 0.67 3.78 -12.52
N VAL A 123 1.33 2.65 -12.67
CA VAL A 123 0.68 1.37 -12.48
C VAL A 123 1.19 0.69 -11.22
N THR A 124 0.24 0.19 -10.46
CA THR A 124 0.54 -0.53 -9.26
C THR A 124 -0.24 -1.83 -9.26
N SER A 125 0.36 -2.85 -8.64
CA SER A 125 -0.15 -4.22 -8.64
C SER A 125 0.16 -4.86 -7.28
N LYS A 126 -0.83 -5.47 -6.61
CA LYS A 126 -0.62 -6.11 -5.32
C LYS A 126 -0.76 -7.63 -5.43
N ARG A 127 0.21 -8.36 -4.88
CA ARG A 127 0.17 -9.80 -4.77
C ARG A 127 0.19 -10.17 -3.30
N VAL A 128 -0.70 -11.05 -2.88
CA VAL A 128 -0.77 -11.53 -1.52
C VAL A 128 -0.40 -13.01 -1.49
N TYR A 129 0.40 -13.39 -0.48
CA TYR A 129 0.80 -14.76 -0.17
C TYR A 129 0.46 -15.14 1.26
N GLU A 130 0.31 -16.43 1.49
CA GLU A 130 -0.13 -16.96 2.79
C GLU A 130 1.10 -17.66 3.27
N ARG A 131 1.41 -17.59 4.58
CA ARG A 131 2.47 -18.38 5.10
C ARG A 131 2.10 -19.85 4.92
N ALA A 132 3.10 -20.61 4.50
CA ALA A 132 3.10 -22.06 4.50
C ALA A 132 3.68 -22.45 5.86
N MET B 1 4.08 16.92 -11.66
CA MET B 1 3.58 15.52 -11.60
C MET B 1 2.43 15.30 -12.59
N CYS B 2 1.41 16.19 -12.65
CA CYS B 2 1.02 17.19 -11.62
C CYS B 2 -0.39 16.85 -11.04
N ASP B 3 -0.61 15.58 -10.76
CA ASP B 3 -1.66 15.13 -9.86
C ASP B 3 -1.20 15.33 -8.40
N GLN B 4 -1.96 16.15 -7.69
CA GLN B 4 -1.71 16.42 -6.29
C GLN B 4 -3.03 16.49 -5.51
N PHE B 5 -2.95 16.42 -4.18
CA PHE B 5 -4.10 16.30 -3.29
C PHE B 5 -5.17 17.29 -3.53
N VAL B 6 -4.83 18.52 -3.86
CA VAL B 6 -5.87 19.53 -3.92
C VAL B 6 -6.91 19.10 -4.97
N GLY B 7 -8.17 19.38 -4.62
CA GLY B 7 -9.33 19.08 -5.47
C GLY B 7 -10.39 18.18 -4.81
N THR B 8 -11.28 17.63 -5.64
CA THR B 8 -12.45 16.91 -5.16
C THR B 8 -12.40 15.53 -5.73
N TRP B 9 -12.79 14.57 -4.89
CA TRP B 9 -12.48 13.18 -5.10
C TRP B 9 -13.79 12.41 -4.74
N LYS B 10 -14.19 11.45 -5.57
CA LYS B 10 -15.52 10.82 -5.44
C LYS B 10 -15.23 9.38 -5.16
N PHE B 11 -15.83 8.85 -4.11
CA PHE B 11 -15.69 7.42 -3.74
C PHE B 11 -15.87 6.53 -4.95
N LEU B 12 -15.04 5.51 -5.06
CA LEU B 12 -15.01 4.58 -6.17
C LEU B 12 -15.12 3.20 -5.57
N SER B 13 -14.29 2.87 -4.60
CA SER B 13 -14.34 1.52 -4.04
C SER B 13 -13.56 1.39 -2.72
N SER B 14 -13.90 0.35 -1.96
CA SER B 14 -13.23 0.01 -0.71
C SER B 14 -13.03 -1.49 -0.57
N GLU B 15 -11.99 -1.85 0.14
CA GLU B 15 -11.64 -3.24 0.37
C GLU B 15 -11.35 -3.37 1.85
N ASN B 16 -11.99 -4.36 2.46
CA ASN B 16 -11.82 -4.69 3.85
C ASN B 16 -12.29 -3.63 4.84
N PHE B 17 -13.17 -2.75 4.41
CA PHE B 17 -13.52 -1.60 5.22
C PHE B 17 -14.14 -2.06 6.53
N GLU B 18 -14.86 -3.18 6.47
CA GLU B 18 -15.75 -3.63 7.56
C GLU B 18 -14.92 -4.10 8.71
N ASP B 19 -13.91 -4.93 8.45
CA ASP B 19 -13.04 -5.39 9.53
C ASP B 19 -12.12 -4.26 10.07
N TYR B 20 -11.85 -3.21 9.28
CA TYR B 20 -11.06 -2.09 9.84
C TYR B 20 -11.88 -1.34 10.88
N MET B 21 -13.12 -1.07 10.54
CA MET B 21 -13.97 -0.34 11.46
C MET B 21 -14.19 -1.19 12.75
N LYS B 22 -14.30 -2.51 12.62
CA LYS B 22 -14.42 -3.38 13.83
C LYS B 22 -13.19 -3.18 14.70
N GLU B 23 -12.05 -3.22 14.05
CA GLU B 23 -10.81 -2.94 14.74
C GLU B 23 -10.79 -1.59 15.39
N LEU B 24 -11.33 -0.58 14.73
CA LEU B 24 -11.39 0.77 15.33
C LEU B 24 -12.27 0.76 16.53
N GLY B 25 -13.25 -0.14 16.52
CA GLY B 25 -14.17 -0.30 17.65
C GLY B 25 -15.49 0.32 17.33
N VAL B 26 -15.79 0.49 16.04
CA VAL B 26 -16.95 1.25 15.61
C VAL B 26 -18.06 0.28 15.82
N GLY B 27 -19.24 0.79 16.14
CA GLY B 27 -20.36 -0.07 16.45
C GLY B 27 -21.01 -0.63 15.21
N PHE B 28 -21.37 -1.92 15.28
CA PHE B 28 -22.30 -2.53 14.32
C PHE B 28 -23.32 -1.45 14.12
N ALA B 29 -23.82 -1.23 12.92
CA ALA B 29 -24.84 -0.17 12.72
C ALA B 29 -24.23 1.16 12.34
N THR B 30 -23.23 1.66 13.06
CA THR B 30 -22.44 2.73 12.42
C THR B 30 -21.74 2.08 11.24
N ARG B 31 -21.15 0.88 11.42
CA ARG B 31 -20.52 0.13 10.32
C ARG B 31 -21.42 -0.03 9.09
N LYS B 32 -22.74 -0.15 9.30
CA LYS B 32 -23.72 -0.15 8.18
C LYS B 32 -23.88 1.11 7.35
N MET B 33 -24.18 2.24 7.98
CA MET B 33 -24.36 3.45 7.21
C MET B 33 -23.03 3.80 6.55
N ALA B 34 -21.93 3.47 7.22
CA ALA B 34 -20.63 3.84 6.73
C ALA B 34 -20.31 3.10 5.43
N GLY B 35 -20.71 1.84 5.30
CA GLY B 35 -20.49 1.08 4.07
C GLY B 35 -21.49 1.26 2.93
N VAL B 36 -22.64 1.92 3.15
CA VAL B 36 -23.44 2.25 1.97
C VAL B 36 -22.97 3.57 1.39
N ALA B 37 -22.35 4.47 2.18
CA ALA B 37 -22.07 5.85 1.74
C ALA B 37 -20.99 5.87 0.60
N LYS B 38 -21.11 6.82 -0.34
CA LYS B 38 -20.11 7.03 -1.41
C LYS B 38 -19.63 8.47 -1.26
N PRO B 39 -18.86 8.71 -0.22
CA PRO B 39 -18.41 10.04 0.18
C PRO B 39 -17.60 10.80 -0.91
N ASN B 40 -17.62 12.10 -0.82
CA ASN B 40 -16.86 12.99 -1.67
C ASN B 40 -15.87 13.67 -0.75
N VAL B 41 -14.59 13.65 -1.07
CA VAL B 41 -13.57 14.25 -0.18
C VAL B 41 -12.97 15.42 -0.89
N THR B 42 -13.06 16.61 -0.34
CA THR B 42 -12.36 17.77 -0.87
C THR B 42 -11.18 18.22 0.03
N ILE B 43 -9.99 18.17 -0.54
CA ILE B 43 -8.71 18.63 0.08
C ILE B 43 -8.40 20.09 -0.35
N SER B 44 -8.50 21.08 0.52
CA SER B 44 -8.17 22.44 0.10
C SER B 44 -6.96 23.01 0.88
N ILE B 45 -6.17 23.89 0.25
CA ILE B 45 -4.93 24.40 0.87
C ILE B 45 -5.01 25.92 0.99
N ASN B 46 -4.90 26.46 2.19
CA ASN B 46 -4.91 27.89 2.32
C ASN B 46 -3.63 28.30 3.02
N GLY B 47 -2.70 28.84 2.25
CA GLY B 47 -1.36 29.09 2.76
C GLY B 47 -0.69 27.82 3.25
N ASP B 48 -0.46 27.69 4.54
CA ASP B 48 0.16 26.48 5.04
C ASP B 48 -0.81 25.57 5.81
N VAL B 49 -2.11 25.89 5.73
CA VAL B 49 -3.16 25.18 6.42
C VAL B 49 -3.91 24.30 5.41
N ILE B 50 -3.96 22.97 5.63
CA ILE B 50 -4.68 22.02 4.75
C ILE B 50 -6.09 21.78 5.31
N THR B 51 -7.09 21.62 4.46
CA THR B 51 -8.47 21.32 4.94
C THR B 51 -8.92 20.12 4.21
N ILE B 52 -9.41 19.11 4.93
CA ILE B 52 -9.98 17.91 4.32
C ILE B 52 -11.49 17.91 4.72
N LYS B 53 -12.39 18.07 3.74
CA LYS B 53 -13.88 18.08 3.93
C LYS B 53 -14.44 16.84 3.32
N THR B 54 -15.25 16.11 4.09
CA THR B 54 -15.85 14.85 3.67
C THR B 54 -17.34 15.11 3.62
N GLU B 55 -17.93 14.92 2.44
CA GLU B 55 -19.36 15.23 2.25
C GLU B 55 -19.99 14.02 1.60
N SER B 56 -21.28 14.11 1.26
CA SER B 56 -22.02 12.95 0.77
C SER B 56 -21.86 11.74 1.66
N THR B 57 -21.97 11.97 2.94
CA THR B 57 -21.95 10.90 3.83
C THR B 57 -22.94 11.17 4.93
N PHE B 58 -22.95 10.25 5.89
CA PHE B 58 -23.97 10.19 6.94
C PHE B 58 -23.76 11.27 7.97
N LYS B 59 -22.50 11.64 8.19
CA LYS B 59 -22.13 12.72 9.05
C LYS B 59 -20.98 13.41 8.32
N ASN B 60 -21.16 14.66 7.95
CA ASN B 60 -20.17 15.38 7.15
C ASN B 60 -19.15 15.89 8.14
N THR B 61 -17.87 15.81 7.80
CA THR B 61 -16.81 16.38 8.68
C THR B 61 -15.94 17.41 7.94
N GLU B 62 -15.26 18.26 8.70
CA GLU B 62 -14.26 19.20 8.17
C GLU B 62 -13.08 19.33 9.13
N VAL B 63 -11.87 18.98 8.70
CA VAL B 63 -10.69 19.06 9.57
C VAL B 63 -9.61 19.93 8.90
N SER B 64 -8.93 20.72 9.71
CA SER B 64 -7.99 21.70 9.22
C SER B 64 -6.75 21.56 10.06
N PHE B 65 -5.59 21.53 9.42
CA PHE B 65 -4.36 21.29 10.14
C PHE B 65 -3.14 21.82 9.41
N ARG B 66 -2.05 22.03 10.15
CA ARG B 66 -0.73 22.39 9.58
C ARG B 66 0.09 21.14 9.67
N LEU B 67 0.98 20.89 8.72
CA LEU B 67 1.76 19.71 8.83
C LEU B 67 2.68 19.75 10.09
N GLY B 68 2.84 18.60 10.76
CA GLY B 68 3.68 18.51 11.94
C GLY B 68 2.97 18.85 13.24
N GLU B 69 2.04 19.79 13.20
CA GLU B 69 1.41 20.33 14.40
C GLU B 69 0.24 19.43 14.85
N GLU B 70 0.32 18.94 16.08
CA GLU B 70 -0.72 18.05 16.61
C GLU B 70 -2.06 18.74 16.72
N PHE B 71 -3.11 18.04 16.33
CA PHE B 71 -4.45 18.61 16.51
C PHE B 71 -5.49 17.57 16.96
N ASP B 72 -6.59 18.06 17.53
CA ASP B 72 -7.69 17.23 17.99
C ASP B 72 -8.74 17.03 16.91
N GLU B 73 -9.32 15.83 16.85
CA GLU B 73 -10.47 15.59 16.02
C GLU B 73 -11.42 14.70 16.81
N THR B 74 -12.70 15.07 16.88
CA THR B 74 -13.78 14.15 17.24
C THR B 74 -14.25 13.59 15.93
N THR B 75 -14.09 12.27 15.73
CA THR B 75 -14.31 11.61 14.43
C THR B 75 -15.77 11.34 14.17
N ALA B 76 -16.10 10.99 12.93
CA ALA B 76 -17.51 10.78 12.58
C ALA B 76 -18.14 9.62 13.35
N ASP B 77 -17.34 8.77 14.00
CA ASP B 77 -17.87 7.77 14.96
C ASP B 77 -17.61 8.16 16.43
N ASP B 78 -17.37 9.44 16.68
CA ASP B 78 -17.30 10.00 18.04
C ASP B 78 -16.08 9.60 18.90
N ARG B 79 -14.98 9.22 18.27
CA ARG B 79 -13.74 9.11 19.04
C ARG B 79 -13.14 10.50 19.16
N LYS B 80 -12.42 10.73 20.25
CA LYS B 80 -11.86 12.05 20.51
C LYS B 80 -10.36 11.90 20.36
N THR B 81 -9.81 12.39 19.25
CA THR B 81 -8.52 11.89 18.79
C THR B 81 -7.48 12.96 18.80
N LYS B 82 -6.24 12.54 18.90
CA LYS B 82 -5.09 13.44 18.70
C LYS B 82 -4.33 12.96 17.50
N ASN B 83 -4.04 13.92 16.60
CA ASN B 83 -3.56 13.61 15.26
C ASN B 83 -2.34 14.40 14.87
N VAL B 84 -1.43 13.75 14.16
CA VAL B 84 -0.30 14.38 13.53
C VAL B 84 -0.20 13.89 12.08
N ILE B 85 -0.29 14.81 11.11
CA ILE B 85 -0.17 14.44 9.68
C ILE B 85 1.16 14.96 9.13
N THR B 86 1.89 14.13 8.39
CA THR B 86 3.12 14.57 7.78
C THR B 86 3.10 14.21 6.32
N LEU B 87 4.01 14.79 5.57
CA LEU B 87 4.09 14.63 4.14
C LEU B 87 5.49 14.16 3.80
N ASP B 88 5.62 13.08 3.04
CA ASP B 88 6.91 12.66 2.56
C ASP B 88 6.70 12.04 1.22
N ASN B 89 7.48 12.53 0.26
CA ASN B 89 7.31 12.14 -1.12
C ASN B 89 5.88 11.99 -1.65
N GLY B 90 5.05 12.98 -1.34
CA GLY B 90 3.71 13.07 -1.88
C GLY B 90 2.64 12.19 -1.20
N ILE B 91 2.99 11.57 -0.10
CA ILE B 91 2.10 10.74 0.66
C ILE B 91 1.85 11.41 1.96
N LEU B 92 0.58 11.74 2.22
CA LEU B 92 0.17 12.23 3.54
C LEU B 92 0.09 11.09 4.53
N ASN B 93 0.72 11.21 5.70
CA ASN B 93 0.69 10.18 6.73
C ASN B 93 0.05 10.77 7.96
N GLN B 94 -1.09 10.22 8.41
CA GLN B 94 -1.80 10.71 9.61
C GLN B 94 -1.80 9.69 10.78
N VAL B 95 -1.34 10.11 11.95
CA VAL B 95 -1.19 9.18 13.05
C VAL B 95 -2.24 9.60 14.02
N GLN B 96 -3.25 8.73 14.25
CA GLN B 96 -4.43 9.08 15.01
C GLN B 96 -4.47 8.24 16.30
N LYS B 97 -4.46 8.92 17.44
CA LYS B 97 -4.28 8.35 18.77
C LYS B 97 -5.48 8.68 19.64
N TRP B 98 -6.01 7.69 20.34
CA TRP B 98 -7.03 7.86 21.36
C TRP B 98 -6.94 6.61 22.29
N ASP B 99 -6.92 6.81 23.62
CA ASP B 99 -6.89 5.69 24.61
C ASP B 99 -5.76 4.69 24.50
N GLY B 100 -4.54 5.13 24.26
CA GLY B 100 -3.43 4.17 24.05
C GLY B 100 -3.59 3.32 22.82
N LYS B 101 -4.63 3.58 22.01
CA LYS B 101 -4.74 2.98 20.67
C LYS B 101 -4.25 4.00 19.60
N GLU B 102 -4.19 3.58 18.36
CA GLU B 102 -3.61 4.41 17.31
C GLU B 102 -4.00 3.80 15.98
N THR B 103 -4.33 4.64 14.99
CA THR B 103 -4.44 4.20 13.58
C THR B 103 -3.59 5.10 12.66
N VAL B 104 -3.12 4.52 11.57
CA VAL B 104 -2.33 5.23 10.62
C VAL B 104 -3.13 5.27 9.33
N ILE B 105 -3.43 6.48 8.88
CA ILE B 105 -4.20 6.71 7.66
C ILE B 105 -3.24 7.30 6.61
N LYS B 106 -3.03 6.61 5.51
CA LYS B 106 -2.07 7.10 4.51
C LYS B 106 -2.85 7.51 3.28
N ARG B 107 -2.60 8.69 2.75
CA ARG B 107 -3.27 9.15 1.55
C ARG B 107 -2.23 9.46 0.47
N LYS B 108 -2.41 8.87 -0.70
CA LYS B 108 -1.57 9.27 -1.83
C LYS B 108 -2.36 9.34 -3.13
N VAL B 109 -1.90 10.19 -4.04
CA VAL B 109 -2.55 10.47 -5.33
C VAL B 109 -1.74 9.70 -6.37
N MET B 110 -2.40 8.86 -7.12
CA MET B 110 -1.76 8.16 -8.20
C MET B 110 -2.58 8.48 -9.50
N ASP B 111 -2.01 9.31 -10.39
CA ASP B 111 -2.64 9.64 -11.70
C ASP B 111 -4.19 9.75 -11.59
N GLY B 112 -4.67 10.87 -11.07
CA GLY B 112 -6.12 11.09 -10.84
C GLY B 112 -6.95 10.06 -10.02
N ASN B 113 -6.32 9.18 -9.25
CA ASN B 113 -6.98 8.42 -8.12
C ASN B 113 -6.35 8.81 -6.74
N LEU B 114 -7.15 8.93 -5.67
CA LEU B 114 -6.67 9.17 -4.29
C LEU B 114 -6.89 7.86 -3.60
N VAL B 115 -5.81 7.26 -3.10
CA VAL B 115 -5.82 5.94 -2.44
C VAL B 115 -5.58 6.22 -0.99
N VAL B 116 -6.50 5.76 -0.16
CA VAL B 116 -6.44 6.00 1.29
C VAL B 116 -6.32 4.64 1.93
N GLU B 117 -5.18 4.37 2.58
CA GLU B 117 -4.90 3.05 3.17
C GLU B 117 -4.84 3.28 4.65
N CYS B 118 -5.63 2.51 5.41
CA CYS B 118 -5.86 2.79 6.82
C CYS B 118 -5.42 1.55 7.55
N THR B 119 -4.57 1.69 8.54
CA THR B 119 -4.05 0.51 9.21
C THR B 119 -4.31 0.63 10.66
N MET B 120 -4.88 -0.41 11.23
CA MET B 120 -4.93 -0.52 12.67
C MET B 120 -4.55 -1.94 13.11
N ASN B 121 -3.54 -2.07 13.95
CA ASN B 121 -3.05 -3.37 14.37
C ASN B 121 -2.72 -4.30 13.19
N THR B 122 -3.38 -5.43 13.18
CA THR B 122 -3.42 -6.40 12.12
C THR B 122 -4.04 -5.88 10.81
N VAL B 123 -4.94 -4.91 10.91
CA VAL B 123 -5.95 -4.71 9.86
C VAL B 123 -5.71 -3.47 9.01
N THR B 124 -5.82 -3.66 7.69
CA THR B 124 -5.66 -2.57 6.80
C THR B 124 -6.79 -2.61 5.80
N SER B 125 -7.23 -1.43 5.42
CA SER B 125 -8.40 -1.20 4.57
C SER B 125 -8.03 -0.16 3.53
N LYS B 126 -8.32 -0.42 2.26
CA LYS B 126 -8.03 0.49 1.14
C LYS B 126 -9.29 1.07 0.54
N ARG B 127 -9.32 2.39 0.45
CA ARG B 127 -10.37 3.14 -0.20
C ARG B 127 -9.78 3.92 -1.37
N VAL B 128 -10.43 3.83 -2.52
CA VAL B 128 -10.05 4.51 -3.74
C VAL B 128 -11.14 5.52 -4.07
N TYR B 129 -10.71 6.73 -4.43
CA TYR B 129 -11.55 7.82 -4.97
C TYR B 129 -11.08 8.26 -6.35
N GLU B 130 -11.99 8.76 -7.17
CA GLU B 130 -11.70 9.27 -8.51
C GLU B 130 -11.75 10.76 -8.41
N ARG B 131 -10.92 11.48 -9.18
CA ARG B 131 -10.99 12.92 -9.16
C ARG B 131 -12.33 13.28 -9.76
N ALA B 132 -12.96 14.26 -9.16
CA ALA B 132 -14.28 14.66 -9.55
C ALA B 132 -14.13 16.15 -9.77
#